data_5FKF
#
_entry.id   5FKF
#
_cell.length_a   61.810
_cell.length_b   61.810
_cell.length_c   154.940
_cell.angle_alpha   90.00
_cell.angle_beta   90.00
_cell.angle_gamma   90.00
#
_symmetry.space_group_name_H-M   'P 43 21 2'
#
loop_
_entity.id
_entity.type
_entity.pdbx_description
1 polymer 'SAM-I RIBOSWITCH'
2 non-polymer S-ADENOSYLMETHIONINE
3 non-polymer 'BARIUM ION'
4 non-polymer 'SODIUM ION'
5 non-polymer 'POTASSIUM ION'
#
_entity_poly.entity_id   1
_entity_poly.type   'polyribonucleotide'
_entity_poly.pdbx_seq_one_letter_code
;GGCUUAUCAAGAGAGGGCGAGCGACUGGCGCGAAGAUCCCCGGCAACCAGAAAUGGUGCCAAUUCCUGCAGCGGAAACGU
UGAAAGAUGAGCCG
;
_entity_poly.pdbx_strand_id   A
#
loop_
_chem_comp.id
_chem_comp.type
_chem_comp.name
_chem_comp.formula
A RNA linking ADENOSINE-5'-MONOPHOSPHATE 'C10 H14 N5 O7 P'
BA non-polymer 'BARIUM ION' 'Ba 2'
C RNA linking CYTIDINE-5'-MONOPHOSPHATE 'C9 H14 N3 O8 P'
G RNA linking GUANOSINE-5'-MONOPHOSPHATE 'C10 H14 N5 O8 P'
K non-polymer 'POTASSIUM ION' 'K 1'
NA non-polymer 'SODIUM ION' 'Na 1'
SAM non-polymer S-ADENOSYLMETHIONINE 'C15 H22 N6 O5 S'
U RNA linking URIDINE-5'-MONOPHOSPHATE 'C9 H13 N2 O9 P'
#
# COMPACT_ATOMS: atom_id res chain seq x y z
N SAM B . -0.95 -1.38 -3.05
CA SAM B . -1.21 -1.95 -1.73
C SAM B . -2.35 -2.98 -1.72
O SAM B . -2.88 -3.37 -2.76
OXT SAM B . -2.73 -3.46 -0.66
CB SAM B . -1.50 -0.85 -0.72
CG SAM B . -0.27 -0.29 0.00
SD SAM B . -0.70 0.63 1.49
CE SAM B . -0.98 -0.70 2.67
C5' SAM B . -2.40 1.18 1.17
C4' SAM B . -2.42 2.51 0.43
O4' SAM B . -1.82 2.28 -0.83
C3' SAM B . -3.79 3.13 0.12
O3' SAM B . -4.22 4.06 1.09
C2' SAM B . -3.56 3.82 -1.22
O2' SAM B . -3.30 5.18 -1.00
C1' SAM B . -2.28 3.21 -1.77
N9 SAM B . -2.49 2.56 -3.07
C8 SAM B . -1.67 2.71 -4.17
N7 SAM B . -2.18 1.96 -5.18
C5 SAM B . -3.30 1.34 -4.75
C6 SAM B . -4.17 0.47 -5.38
N6 SAM B . -3.97 0.10 -6.64
N1 SAM B . -5.25 -0.02 -4.67
C2 SAM B . -5.45 0.36 -3.36
N3 SAM B . -4.56 1.22 -2.74
C4 SAM B . -3.50 1.71 -3.42
BA BA C . 5.59 5.63 9.93
BA BA D . 16.08 -24.00 4.42
BA BA E . 15.14 9.54 -3.65
BA BA F . 7.85 -5.75 9.89
BA BA G . -12.80 9.42 -9.87
BA BA H . 3.42 -4.71 35.94
BA BA I . 10.32 9.44 -2.03
BA BA J . -1.57 -5.80 2.60
BA BA K . -5.85 -0.22 -13.70
NA NA L . 2.39 -9.64 3.01
K K M . 4.43 9.02 3.35
K K N . 4.18 -4.69 26.14
NA NA O . 2.83 -4.16 19.59
BA BA P . 12.21 18.10 -7.27
BA BA Q . 9.20 -19.84 -11.53
BA BA R . 0.44 -5.75 -14.95
#